data_8AVI
#
_entry.id   8AVI
#
_cell.length_a   46.703
_cell.length_b   48.941
_cell.length_c   100.931
_cell.angle_alpha   90.000
_cell.angle_beta   90.000
_cell.angle_gamma   90.000
#
_symmetry.space_group_name_H-M   'P 21 21 21'
#
loop_
_entity.id
_entity.type
_entity.pdbx_description
1 polymer 'Heme-degrading monooxygenase'
2 non-polymer 'PROTOPORPHYRIN IX CONTAINING FE'
3 non-polymer S-1,2-PROPANEDIOL
4 non-polymer 1,4-BUTANEDIOL
5 non-polymer 1,3-PROPANDIOL
6 water water
#
_entity_poly.entity_id   1
_entity_poly.type   'polypeptide(L)'
_entity_poly.pdbx_seq_one_letter_code
;MIIVTNTAKITKGNGHKLIERFNKVGKVETMPGFLGLEVLLTQNTVDYDEVTISTRWNAKEDFQGWTKSAAFKDAHSHQG
GMPEYILDNKIAYYDVKVVRMPMAAAQ
;
_entity_poly.pdbx_strand_id   A,B
#
# COMPACT_ATOMS: atom_id res chain seq x y z
N MET A 1 14.08 1.78 0.57
CA MET A 1 12.99 0.82 0.68
C MET A 1 11.94 1.09 -0.42
N ILE A 2 11.45 0.00 -1.03
N ILE A 2 11.47 0.04 -1.08
CA ILE A 2 10.55 0.04 -2.18
CA ILE A 2 10.46 0.20 -2.13
C ILE A 2 9.32 -0.80 -1.85
C ILE A 2 9.34 -0.79 -1.92
N ILE A 3 8.20 -0.46 -2.50
CA ILE A 3 7.03 -1.33 -2.56
C ILE A 3 6.71 -1.51 -4.02
N VAL A 4 6.44 -2.75 -4.44
CA VAL A 4 5.96 -3.04 -5.78
C VAL A 4 4.57 -3.62 -5.65
N THR A 5 3.60 -3.05 -6.35
CA THR A 5 2.22 -3.48 -6.28
CA THR A 5 2.21 -3.49 -6.28
C THR A 5 1.72 -4.01 -7.62
N ASN A 6 0.93 -5.07 -7.57
CA ASN A 6 0.20 -5.57 -8.72
C ASN A 6 -1.28 -5.50 -8.34
N THR A 7 -2.04 -4.65 -9.04
CA THR A 7 -3.44 -4.37 -8.71
C THR A 7 -4.37 -4.89 -9.80
N ALA A 8 -5.26 -5.80 -9.45
CA ALA A 8 -6.10 -6.53 -10.39
C ALA A 8 -7.56 -6.13 -10.24
N LYS A 9 -8.13 -5.58 -11.32
CA LYS A 9 -9.58 -5.38 -11.45
C LYS A 9 -10.21 -6.70 -11.87
N ILE A 10 -11.15 -7.21 -11.08
CA ILE A 10 -11.66 -8.56 -11.23
C ILE A 10 -13.18 -8.53 -11.29
N THR A 11 -13.76 -9.43 -12.08
CA THR A 11 -15.21 -9.47 -12.21
C THR A 11 -15.86 -9.70 -10.85
N LYS A 12 -16.90 -8.91 -10.56
CA LYS A 12 -17.52 -8.86 -9.24
C LYS A 12 -17.73 -10.25 -8.66
N GLY A 13 -17.44 -10.39 -7.37
CA GLY A 13 -17.59 -11.66 -6.69
C GLY A 13 -16.46 -12.66 -6.88
N ASN A 14 -15.52 -12.42 -7.82
CA ASN A 14 -14.44 -13.35 -8.09
C ASN A 14 -13.13 -13.00 -7.37
N GLY A 15 -13.09 -11.93 -6.58
CA GLY A 15 -11.85 -11.56 -5.92
C GLY A 15 -11.28 -12.69 -5.09
N HIS A 16 -12.14 -13.42 -4.37
CA HIS A 16 -11.67 -14.45 -3.46
C HIS A 16 -10.87 -15.54 -4.17
N LYS A 17 -11.02 -15.68 -5.47
CA LYS A 17 -10.27 -16.70 -6.19
C LYS A 17 -8.80 -16.33 -6.27
N LEU A 18 -8.52 -15.06 -6.55
CA LEU A 18 -7.14 -14.63 -6.63
C LEU A 18 -6.49 -14.61 -5.26
N ILE A 19 -7.25 -14.25 -4.23
CA ILE A 19 -6.70 -14.24 -2.87
C ILE A 19 -6.27 -15.63 -2.46
N GLU A 20 -7.13 -16.64 -2.70
CA GLU A 20 -6.80 -18.01 -2.33
C GLU A 20 -5.49 -18.47 -2.96
N ARG A 21 -5.16 -17.96 -4.15
CA ARG A 21 -3.95 -18.39 -4.84
C ARG A 21 -2.68 -17.86 -4.17
N PHE A 22 -2.78 -16.77 -3.41
CA PHE A 22 -1.64 -16.25 -2.67
C PHE A 22 -1.65 -16.67 -1.21
N ASN A 23 -2.71 -17.32 -0.75
CA ASN A 23 -2.88 -17.65 0.66
C ASN A 23 -2.16 -18.95 1.01
N LYS A 24 -0.82 -18.89 0.94
CA LYS A 24 0.02 -20.04 1.18
C LYS A 24 1.46 -19.55 1.25
N VAL A 25 2.32 -20.35 1.90
CA VAL A 25 3.73 -20.03 1.97
C VAL A 25 4.37 -20.30 0.62
N GLY A 26 5.20 -19.39 0.15
CA GLY A 26 5.81 -19.54 -1.16
C GLY A 26 7.31 -19.34 -1.12
N LYS A 27 7.90 -19.02 -2.27
CA LYS A 27 9.33 -18.83 -2.36
C LYS A 27 9.77 -17.37 -2.29
N VAL A 28 8.92 -16.42 -2.71
CA VAL A 28 9.38 -15.03 -2.74
C VAL A 28 9.84 -14.59 -1.35
N GLU A 29 9.27 -15.19 -0.30
N GLU A 29 9.27 -15.14 -0.28
CA GLU A 29 9.59 -14.87 1.09
CA GLU A 29 9.69 -14.70 1.05
C GLU A 29 11.03 -15.23 1.47
C GLU A 29 11.03 -15.26 1.49
N THR A 30 11.70 -16.06 0.67
CA THR A 30 13.06 -16.49 0.98
C THR A 30 14.11 -15.62 0.30
N MET A 31 13.70 -14.63 -0.52
CA MET A 31 14.63 -13.87 -1.33
C MET A 31 15.36 -12.83 -0.48
N PRO A 32 16.61 -12.51 -0.84
CA PRO A 32 17.35 -11.48 -0.11
C PRO A 32 16.68 -10.13 -0.21
N GLY A 33 16.60 -9.43 0.92
CA GLY A 33 16.05 -8.09 0.94
C GLY A 33 14.55 -8.02 0.84
N PHE A 34 13.86 -9.16 0.81
CA PHE A 34 12.40 -9.20 0.90
C PHE A 34 11.96 -8.82 2.30
N LEU A 35 10.97 -7.94 2.40
CA LEU A 35 10.51 -7.45 3.69
C LEU A 35 9.06 -7.80 4.01
N GLY A 36 8.30 -8.33 3.07
CA GLY A 36 6.90 -8.63 3.33
C GLY A 36 6.06 -8.60 2.07
N LEU A 37 5.04 -9.44 2.05
CA LEU A 37 4.04 -9.46 1.00
C LEU A 37 2.67 -9.40 1.66
N GLU A 38 1.78 -8.56 1.15
CA GLU A 38 0.40 -8.54 1.64
C GLU A 38 -0.56 -8.53 0.46
N VAL A 39 -1.73 -9.11 0.69
CA VAL A 39 -2.82 -9.14 -0.28
C VAL A 39 -3.99 -8.35 0.30
N LEU A 40 -4.48 -7.38 -0.46
CA LEU A 40 -5.52 -6.47 -0.01
C LEU A 40 -6.75 -6.61 -0.88
N LEU A 41 -7.91 -6.46 -0.26
CA LEU A 41 -9.18 -6.39 -0.98
C LEU A 41 -9.77 -5.01 -0.76
N THR A 42 -9.97 -4.27 -1.86
CA THR A 42 -10.47 -2.90 -1.78
C THR A 42 -11.90 -2.88 -1.25
N GLN A 43 -12.22 -1.89 -0.41
CA GLN A 43 -13.58 -1.75 0.09
C GLN A 43 -14.42 -0.93 -0.87
N ASN A 44 -15.72 -1.25 -0.91
CA ASN A 44 -16.73 -0.38 -1.54
C ASN A 44 -16.52 -0.29 -3.06
N THR A 45 -16.12 -1.37 -3.70
CA THR A 45 -16.03 -1.37 -5.15
C THR A 45 -17.38 -1.85 -5.68
N VAL A 46 -17.97 -1.06 -6.57
CA VAL A 46 -19.38 -1.22 -6.94
C VAL A 46 -19.55 -2.37 -7.91
N ASP A 47 -19.09 -2.19 -9.15
CA ASP A 47 -19.36 -3.18 -10.19
C ASP A 47 -18.19 -4.15 -10.43
N TYR A 48 -17.18 -4.15 -9.56
CA TYR A 48 -16.04 -5.05 -9.73
C TYR A 48 -15.43 -5.34 -8.36
N ASP A 49 -14.46 -6.25 -8.35
CA ASP A 49 -13.59 -6.49 -7.21
C ASP A 49 -12.19 -6.00 -7.53
N GLU A 50 -11.46 -5.57 -6.49
CA GLU A 50 -10.08 -5.10 -6.68
C GLU A 50 -9.19 -5.76 -5.63
N VAL A 51 -8.22 -6.53 -6.10
CA VAL A 51 -7.29 -7.26 -5.25
C VAL A 51 -5.89 -6.74 -5.55
N THR A 52 -5.16 -6.37 -4.50
CA THR A 52 -3.81 -5.82 -4.63
C THR A 52 -2.82 -6.78 -3.98
N ILE A 53 -1.81 -7.20 -4.75
CA ILE A 53 -0.67 -7.91 -4.21
C ILE A 53 0.45 -6.89 -4.06
N SER A 54 0.99 -6.76 -2.86
CA SER A 54 1.98 -5.75 -2.52
C SER A 54 3.21 -6.46 -1.97
N THR A 55 4.38 -6.15 -2.52
CA THR A 55 5.64 -6.68 -1.97
C THR A 55 6.58 -5.52 -1.63
N ARG A 56 7.28 -5.64 -0.51
CA ARG A 56 8.13 -4.60 0.03
C ARG A 56 9.57 -5.12 0.03
N TRP A 57 10.53 -4.25 -0.32
CA TRP A 57 11.91 -4.67 -0.54
C TRP A 57 12.87 -3.62 -0.01
N ASN A 58 14.03 -4.09 0.47
N ASN A 58 14.03 -4.07 0.44
CA ASN A 58 15.09 -3.16 0.85
CA ASN A 58 15.01 -3.09 0.90
C ASN A 58 15.37 -2.19 -0.27
C ASN A 58 15.45 -2.20 -0.26
N ALA A 59 15.47 -2.72 -1.50
CA ALA A 59 15.84 -1.91 -2.65
C ALA A 59 15.29 -2.53 -3.92
N LYS A 60 15.24 -1.71 -4.98
CA LYS A 60 14.74 -2.22 -6.25
C LYS A 60 15.58 -3.37 -6.77
N GLU A 61 16.89 -3.37 -6.52
CA GLU A 61 17.68 -4.46 -7.08
C GLU A 61 17.32 -5.80 -6.44
N ASP A 62 16.87 -5.79 -5.18
CA ASP A 62 16.41 -7.01 -4.54
C ASP A 62 15.17 -7.58 -5.24
N PHE A 63 14.23 -6.71 -5.59
CA PHE A 63 13.07 -7.13 -6.39
C PHE A 63 13.52 -7.66 -7.74
N GLN A 64 14.50 -7.00 -8.35
CA GLN A 64 14.95 -7.41 -9.66
C GLN A 64 15.64 -8.76 -9.60
N GLY A 65 16.41 -9.00 -8.54
CA GLY A 65 16.97 -10.32 -8.32
C GLY A 65 15.91 -11.39 -8.26
N TRP A 66 14.78 -11.11 -7.60
CA TRP A 66 13.75 -12.13 -7.53
C TRP A 66 13.15 -12.40 -8.91
N THR A 67 12.86 -11.36 -9.69
CA THR A 67 12.21 -11.60 -10.98
C THR A 67 13.11 -12.33 -11.96
N LYS A 68 14.43 -12.31 -11.75
CA LYS A 68 15.36 -13.13 -12.51
C LYS A 68 15.45 -14.54 -11.98
N SER A 69 14.95 -14.80 -10.77
CA SER A 69 15.27 -16.04 -10.08
C SER A 69 14.55 -17.23 -10.72
N ALA A 70 15.02 -18.42 -10.37
CA ALA A 70 14.33 -19.64 -10.78
C ALA A 70 12.93 -19.71 -10.16
N ALA A 71 12.83 -19.41 -8.86
CA ALA A 71 11.56 -19.51 -8.16
C ALA A 71 10.49 -18.60 -8.75
N PHE A 72 10.89 -17.46 -9.34
CA PHE A 72 9.94 -16.64 -10.07
C PHE A 72 9.46 -17.35 -11.34
N LYS A 73 10.36 -18.06 -12.02
CA LYS A 73 9.96 -18.83 -13.20
C LYS A 73 9.12 -20.04 -12.81
N ASP A 74 9.36 -20.62 -11.64
CA ASP A 74 8.54 -21.73 -11.17
C ASP A 74 7.16 -21.26 -10.71
N ALA A 75 7.09 -20.09 -10.07
CA ALA A 75 5.83 -19.49 -9.63
C ALA A 75 5.11 -18.76 -10.75
N HIS A 76 5.70 -18.67 -11.94
CA HIS A 76 5.02 -18.16 -13.13
C HIS A 76 4.98 -19.22 -14.23
N SER A 77 4.86 -20.48 -13.84
CA SER A 77 4.75 -21.57 -14.79
C SER A 77 3.30 -21.99 -14.93
N HIS A 78 2.83 -22.81 -14.00
CA HIS A 78 1.49 -23.41 -14.06
C HIS A 78 0.42 -22.49 -13.46
N GLN A 79 0.34 -21.26 -13.95
CA GLN A 79 -0.70 -20.34 -13.48
C GLN A 79 -2.05 -20.60 -14.13
N GLY A 80 -2.13 -21.51 -15.09
CA GLY A 80 -3.30 -21.59 -15.95
C GLY A 80 -3.52 -20.31 -16.72
N GLY A 81 -2.44 -19.63 -17.10
CA GLY A 81 -2.51 -18.32 -17.74
C GLY A 81 -3.15 -17.28 -16.83
N MET A 82 -3.43 -16.12 -17.43
CA MET A 82 -4.21 -15.09 -16.75
C MET A 82 -5.66 -15.54 -16.71
N PRO A 83 -6.26 -15.69 -15.53
CA PRO A 83 -7.65 -16.17 -15.45
C PRO A 83 -8.59 -15.26 -16.22
N GLU A 84 -9.73 -15.83 -16.61
CA GLU A 84 -10.69 -15.07 -17.40
C GLU A 84 -11.34 -13.95 -16.58
N TYR A 85 -11.46 -14.13 -15.26
CA TYR A 85 -12.13 -13.14 -14.41
C TYR A 85 -11.29 -11.88 -14.19
N ILE A 86 -10.12 -11.77 -14.78
CA ILE A 86 -9.24 -10.64 -14.63
C ILE A 86 -9.54 -9.65 -15.75
N LEU A 87 -10.11 -8.50 -15.38
CA LEU A 87 -10.45 -7.47 -16.36
C LEU A 87 -9.28 -6.55 -16.68
N ASP A 88 -8.48 -6.19 -15.65
CA ASP A 88 -7.38 -5.25 -15.85
C ASP A 88 -6.33 -5.46 -14.77
N ASN A 89 -5.07 -5.19 -15.11
CA ASN A 89 -3.96 -5.39 -14.19
C ASN A 89 -2.97 -4.24 -14.33
N LYS A 90 -2.72 -3.53 -13.22
CA LYS A 90 -1.75 -2.44 -13.17
C LYS A 90 -0.62 -2.79 -12.21
N ILE A 91 0.60 -2.43 -12.60
CA ILE A 91 1.78 -2.62 -11.78
C ILE A 91 2.35 -1.24 -11.46
N ALA A 92 2.75 -1.02 -10.21
CA ALA A 92 3.31 0.27 -9.83
C ALA A 92 4.44 0.08 -8.84
N TYR A 93 5.39 1.01 -8.88
CA TYR A 93 6.55 1.01 -8.00
C TYR A 93 6.48 2.26 -7.15
N TYR A 94 6.74 2.11 -5.86
CA TYR A 94 6.70 3.23 -4.94
C TYR A 94 8.00 3.31 -4.18
N ASP A 95 8.49 4.52 -3.96
CA ASP A 95 9.57 4.79 -3.02
C ASP A 95 8.99 5.10 -1.66
N VAL A 96 9.49 4.43 -0.62
CA VAL A 96 9.04 4.75 0.74
C VAL A 96 9.83 5.95 1.24
N LYS A 97 9.13 7.03 1.56
CA LYS A 97 9.78 8.28 1.94
C LYS A 97 9.70 8.60 3.40
N VAL A 98 8.64 8.22 4.06
CA VAL A 98 8.49 8.46 5.50
C VAL A 98 7.85 7.21 6.08
N VAL A 99 8.31 6.81 7.27
CA VAL A 99 7.69 5.74 8.04
C VAL A 99 7.56 6.24 9.47
N ARG A 100 6.34 6.26 9.99
CA ARG A 100 6.04 6.73 11.34
C ARG A 100 5.36 5.59 12.10
N MET A 101 6.03 5.06 13.10
CA MET A 101 5.56 3.88 13.82
C MET A 101 4.73 4.28 15.02
N PRO A 102 3.97 3.36 15.62
CA PRO A 102 3.10 3.71 16.74
C PRO A 102 3.90 4.15 17.96
N MET A 103 3.19 4.78 18.90
CA MET A 103 3.75 5.07 20.22
C MET A 103 3.81 3.81 21.10
N ALA A 104 2.88 2.87 20.89
CA ALA A 104 2.84 1.63 21.64
C ALA A 104 4.02 0.71 21.35
N ALA A 105 4.82 1.01 20.32
CA ALA A 105 6.07 0.30 20.07
C ALA A 105 7.31 1.13 20.41
N ALA A 106 7.18 2.45 20.45
CA ALA A 106 8.30 3.35 20.73
C ALA A 106 8.78 3.21 22.17
N MET B 1 -7.36 -6.30 10.28
CA MET B 1 -6.41 -5.25 9.93
C MET B 1 -6.87 -4.54 8.67
N ILE B 2 -6.79 -3.21 8.65
CA ILE B 2 -7.18 -2.44 7.47
C ILE B 2 -6.12 -1.40 7.14
N ILE B 3 -6.17 -0.93 5.90
CA ILE B 3 -5.31 0.15 5.43
C ILE B 3 -6.18 1.24 4.84
N VAL B 4 -5.88 2.50 5.17
CA VAL B 4 -6.57 3.66 4.62
C VAL B 4 -5.53 4.51 3.93
N THR B 5 -5.78 4.85 2.67
N THR B 5 -5.74 4.79 2.65
CA THR B 5 -4.82 5.51 1.81
CA THR B 5 -4.81 5.59 1.88
C THR B 5 -5.44 6.78 1.24
C THR B 5 -5.48 6.91 1.48
N ASN B 6 -4.73 7.90 1.38
N ASN B 6 -4.65 7.92 1.29
CA ASN B 6 -5.07 9.14 0.69
CA ASN B 6 -5.06 9.19 0.70
C ASN B 6 -4.02 9.36 -0.38
C ASN B 6 -4.03 9.47 -0.38
N THR B 7 -4.45 9.44 -1.63
CA THR B 7 -3.56 9.57 -2.77
C THR B 7 -3.75 10.95 -3.39
N ALA B 8 -2.70 11.75 -3.40
CA ALA B 8 -2.75 13.10 -3.92
C ALA B 8 -1.97 13.15 -5.22
N LYS B 9 -2.61 13.62 -6.29
CA LYS B 9 -1.90 13.98 -7.52
C LYS B 9 -1.48 15.43 -7.38
N ILE B 10 -0.20 15.68 -7.62
CA ILE B 10 0.45 16.93 -7.29
C ILE B 10 1.15 17.42 -8.54
N THR B 11 1.28 18.75 -8.64
CA THR B 11 2.02 19.35 -9.75
C THR B 11 3.43 18.79 -9.76
N LYS B 12 3.83 18.24 -10.91
CA LYS B 12 5.14 17.63 -11.08
C LYS B 12 6.22 18.53 -10.51
N GLY B 13 7.10 17.94 -9.69
CA GLY B 13 8.13 18.70 -9.02
C GLY B 13 7.76 19.25 -7.64
N ASN B 14 6.47 19.21 -7.26
CA ASN B 14 6.05 19.73 -5.96
C ASN B 14 5.73 18.63 -4.94
N GLY B 15 5.89 17.37 -5.31
CA GLY B 15 5.56 16.28 -4.38
C GLY B 15 6.32 16.34 -3.07
N HIS B 16 7.55 16.86 -3.09
CA HIS B 16 8.36 16.92 -1.88
C HIS B 16 7.73 17.80 -0.79
N LYS B 17 6.88 18.76 -1.19
CA LYS B 17 6.24 19.62 -0.20
C LYS B 17 5.24 18.86 0.65
N LEU B 18 4.46 17.97 0.03
CA LEU B 18 3.54 17.17 0.82
C LEU B 18 4.30 16.18 1.69
N ILE B 19 5.27 15.47 1.10
CA ILE B 19 6.11 14.56 1.88
C ILE B 19 6.68 15.28 3.09
N GLU B 20 7.16 16.52 2.89
CA GLU B 20 7.74 17.28 4.00
C GLU B 20 6.72 17.54 5.10
N ARG B 21 5.46 17.84 4.73
CA ARG B 21 4.44 18.08 5.75
C ARG B 21 4.27 16.88 6.68
N PHE B 22 4.46 15.66 6.15
CA PHE B 22 4.25 14.47 6.96
C PHE B 22 5.53 13.95 7.60
N ASN B 23 6.66 14.61 7.36
CA ASN B 23 7.95 14.15 7.85
C ASN B 23 8.25 14.81 9.19
N LYS B 24 7.51 14.36 10.20
CA LYS B 24 7.62 14.85 11.56
C LYS B 24 6.76 13.94 12.42
N VAL B 25 6.90 14.06 13.73
CA VAL B 25 6.05 13.30 14.63
C VAL B 25 4.69 13.99 14.72
N GLY B 26 3.62 13.22 14.54
CA GLY B 26 2.30 13.83 14.57
C GLY B 26 1.49 13.27 15.71
N LYS B 27 0.18 13.48 15.70
CA LYS B 27 -0.64 12.91 16.75
C LYS B 27 -1.27 11.58 16.36
N VAL B 28 -1.31 11.23 15.07
CA VAL B 28 -1.97 9.98 14.69
C VAL B 28 -1.25 8.78 15.30
N GLU B 29 0.09 8.86 15.46
CA GLU B 29 0.87 7.79 16.10
C GLU B 29 0.45 7.53 17.54
N THR B 30 -0.27 8.45 18.16
CA THR B 30 -0.71 8.25 19.54
C THR B 30 -2.07 7.58 19.65
N MET B 31 -2.73 7.30 18.52
CA MET B 31 -4.10 6.81 18.55
C MET B 31 -4.13 5.33 18.88
N PRO B 32 -5.10 4.88 19.69
CA PRO B 32 -5.19 3.45 19.98
C PRO B 32 -5.51 2.67 18.71
N GLY B 33 -4.82 1.55 18.52
CA GLY B 33 -5.06 0.69 17.37
C GLY B 33 -4.31 1.09 16.13
N PHE B 34 -3.57 2.20 16.17
CA PHE B 34 -2.72 2.61 15.06
C PHE B 34 -1.55 1.67 14.92
N LEU B 35 -1.26 1.23 13.69
CA LEU B 35 -0.16 0.31 13.48
C LEU B 35 0.94 0.87 12.60
N GLY B 36 0.80 2.05 12.06
CA GLY B 36 1.90 2.59 11.30
C GLY B 36 1.39 3.47 10.19
N LEU B 37 2.20 4.44 9.83
CA LEU B 37 1.94 5.37 8.75
C LEU B 37 3.15 5.38 7.85
N GLU B 38 2.93 5.43 6.54
CA GLU B 38 4.05 5.62 5.63
C GLU B 38 3.61 6.53 4.50
N VAL B 39 4.60 7.21 3.92
CA VAL B 39 4.38 8.13 2.81
C VAL B 39 5.19 7.61 1.63
N LEU B 40 4.54 7.50 0.47
CA LEU B 40 5.09 6.87 -0.70
C LEU B 40 5.12 7.88 -1.84
N LEU B 41 6.12 7.76 -2.70
CA LEU B 41 6.23 8.53 -3.93
C LEU B 41 6.23 7.53 -5.08
N THR B 42 5.20 7.57 -5.92
CA THR B 42 5.14 6.66 -7.06
C THR B 42 6.28 6.96 -8.03
N GLN B 43 6.88 5.90 -8.57
CA GLN B 43 7.94 6.05 -9.57
C GLN B 43 7.36 6.21 -10.98
N ASN B 44 8.13 6.86 -11.85
CA ASN B 44 7.83 6.96 -13.28
C ASN B 44 6.46 7.55 -13.55
N THR B 45 6.08 8.57 -12.80
CA THR B 45 4.87 9.33 -13.12
C THR B 45 5.27 10.47 -14.06
N VAL B 46 4.52 10.62 -15.14
CA VAL B 46 4.95 11.47 -16.25
C VAL B 46 4.61 12.94 -15.96
N ASP B 47 3.31 13.26 -16.00
CA ASP B 47 2.86 14.64 -15.92
C ASP B 47 2.90 15.23 -14.52
N TYR B 48 3.10 14.40 -13.49
CA TYR B 48 2.75 14.83 -12.15
C TYR B 48 3.54 14.02 -11.13
N ASP B 49 3.45 14.45 -9.88
CA ASP B 49 3.91 13.68 -8.75
C ASP B 49 2.71 13.00 -8.10
N GLU B 50 2.91 11.81 -7.56
CA GLU B 50 1.81 11.14 -6.87
C GLU B 50 2.30 10.72 -5.50
N VAL B 51 1.69 11.27 -4.46
CA VAL B 51 2.11 11.04 -3.09
C VAL B 51 0.98 10.34 -2.37
N THR B 52 1.29 9.22 -1.73
CA THR B 52 0.31 8.39 -1.06
C THR B 52 0.64 8.41 0.42
N ILE B 53 -0.33 8.74 1.24
CA ILE B 53 -0.20 8.61 2.69
C ILE B 53 -1.05 7.42 3.10
N SER B 54 -0.39 6.43 3.68
CA SER B 54 -1.02 5.18 4.03
C SER B 54 -1.00 5.04 5.55
N THR B 55 -2.12 4.70 6.14
CA THR B 55 -2.16 4.42 7.57
C THR B 55 -2.78 3.04 7.80
N ARG B 56 -2.22 2.31 8.74
CA ARG B 56 -2.60 0.93 8.99
C ARG B 56 -3.22 0.85 10.38
N TRP B 57 -4.31 0.09 10.52
CA TRP B 57 -5.09 0.07 11.76
C TRP B 57 -5.50 -1.35 12.11
N ASN B 58 -5.60 -1.62 13.41
CA ASN B 58 -5.98 -2.95 13.82
C ASN B 58 -7.40 -3.27 13.35
N ALA B 59 -8.29 -2.28 13.40
CA ALA B 59 -9.68 -2.49 13.03
C ALA B 59 -10.24 -1.18 12.48
N LYS B 60 -11.32 -1.29 11.71
CA LYS B 60 -12.00 -0.10 11.22
C LYS B 60 -12.42 0.82 12.36
N GLU B 61 -12.76 0.25 13.51
CA GLU B 61 -13.22 1.07 14.63
C GLU B 61 -12.11 2.00 15.10
N ASP B 62 -10.86 1.53 15.07
CA ASP B 62 -9.74 2.35 15.53
C ASP B 62 -9.56 3.57 14.63
N PHE B 63 -9.63 3.38 13.33
CA PHE B 63 -9.58 4.51 12.42
C PHE B 63 -10.75 5.45 12.64
N GLN B 64 -11.95 4.89 12.80
CA GLN B 64 -13.11 5.73 13.09
C GLN B 64 -12.89 6.54 14.37
N GLY B 65 -12.38 5.91 15.42
CA GLY B 65 -12.03 6.66 16.62
C GLY B 65 -11.15 7.85 16.31
N TRP B 66 -10.11 7.63 15.49
N TRP B 66 -10.11 7.62 15.51
CA TRP B 66 -9.18 8.71 15.17
CA TRP B 66 -9.20 8.71 15.16
C TRP B 66 -9.87 9.85 14.43
C TRP B 66 -9.92 9.85 14.47
N THR B 67 -10.73 9.53 13.46
CA THR B 67 -11.41 10.60 12.72
C THR B 67 -12.41 11.35 13.60
N LYS B 68 -12.87 10.75 14.70
CA LYS B 68 -13.77 11.41 15.63
C LYS B 68 -13.06 12.16 16.74
N SER B 69 -11.73 12.18 16.74
CA SER B 69 -10.96 12.73 17.85
C SER B 69 -10.73 14.23 17.67
N ALA B 70 -10.54 14.91 18.80
CA ALA B 70 -10.19 16.33 18.73
C ALA B 70 -8.91 16.56 17.94
N ALA B 71 -7.99 15.59 17.96
CA ALA B 71 -6.74 15.74 17.22
C ALA B 71 -6.99 15.79 15.71
N PHE B 72 -7.89 14.95 15.20
CA PHE B 72 -8.23 14.97 13.78
C PHE B 72 -8.94 16.26 13.39
N LYS B 73 -9.89 16.69 14.23
CA LYS B 73 -10.53 17.99 14.05
C LYS B 73 -9.50 19.10 13.89
N ASP B 74 -8.60 19.21 14.88
CA ASP B 74 -7.63 20.30 14.87
C ASP B 74 -6.67 20.20 13.69
N ALA B 75 -6.28 18.98 13.31
CA ALA B 75 -5.44 18.79 12.13
C ALA B 75 -6.18 19.12 10.84
N HIS B 76 -7.51 19.08 10.86
CA HIS B 76 -8.34 19.39 9.71
C HIS B 76 -9.25 20.57 10.00
N SER B 77 -8.73 21.55 10.76
CA SER B 77 -9.46 22.81 10.94
C SER B 77 -9.64 23.51 9.60
N HIS B 78 -8.66 23.42 8.70
CA HIS B 78 -8.75 23.89 7.33
C HIS B 78 -9.24 25.33 7.26
N GLN B 79 -10.56 25.51 7.11
CA GLN B 79 -11.18 26.83 6.94
C GLN B 79 -10.50 27.63 5.84
N GLY B 80 -9.98 26.92 4.84
CA GLY B 80 -9.21 27.49 3.77
C GLY B 80 -8.70 26.35 2.91
N GLY B 81 -8.89 26.46 1.59
CA GLY B 81 -8.63 25.36 0.68
C GLY B 81 -7.21 24.82 0.69
N MET B 82 -6.98 23.78 -0.10
CA MET B 82 -5.69 23.13 -0.16
C MET B 82 -4.71 23.96 -0.98
N PRO B 83 -3.40 23.72 -0.80
CA PRO B 83 -2.41 24.39 -1.65
C PRO B 83 -2.67 24.19 -3.14
N GLU B 84 -2.18 25.12 -3.96
CA GLU B 84 -2.51 25.08 -5.38
C GLU B 84 -1.81 23.95 -6.12
N TYR B 85 -0.76 23.35 -5.55
CA TYR B 85 -0.11 22.26 -6.26
C TYR B 85 -0.81 20.92 -6.05
N ILE B 86 -1.80 20.84 -5.17
CA ILE B 86 -2.56 19.61 -4.98
C ILE B 86 -3.69 19.60 -6.00
N LEU B 87 -3.60 18.71 -6.98
CA LEU B 87 -4.53 18.69 -8.11
C LEU B 87 -5.73 17.80 -7.89
N ASP B 88 -5.59 16.75 -7.09
CA ASP B 88 -6.65 15.77 -6.88
C ASP B 88 -6.34 14.96 -5.64
N ASN B 89 -7.38 14.37 -5.07
CA ASN B 89 -7.27 13.66 -3.80
C ASN B 89 -8.23 12.47 -3.85
N LYS B 90 -7.69 11.26 -3.67
CA LYS B 90 -8.49 10.04 -3.65
C LYS B 90 -8.25 9.31 -2.35
N ILE B 91 -9.32 8.83 -1.72
CA ILE B 91 -9.26 8.05 -0.50
C ILE B 91 -9.69 6.64 -0.83
N ALA B 92 -9.01 5.64 -0.25
CA ALA B 92 -9.38 4.24 -0.45
C ALA B 92 -9.20 3.48 0.87
N TYR B 93 -9.98 2.41 1.04
CA TYR B 93 -9.92 1.53 2.20
C TYR B 93 -9.65 0.10 1.74
N TYR B 94 -8.78 -0.60 2.47
CA TYR B 94 -8.40 -1.95 2.12
C TYR B 94 -8.52 -2.85 3.34
N ASP B 95 -9.00 -4.06 3.13
CA ASP B 95 -8.92 -5.12 4.11
C ASP B 95 -7.70 -5.97 3.79
N VAL B 96 -6.89 -6.24 4.81
CA VAL B 96 -5.72 -7.10 4.66
C VAL B 96 -6.15 -8.55 4.76
N LYS B 97 -5.94 -9.30 3.69
CA LYS B 97 -6.40 -10.68 3.55
C LYS B 97 -5.30 -11.70 3.82
N VAL B 98 -4.08 -11.43 3.39
CA VAL B 98 -2.96 -12.33 3.54
C VAL B 98 -1.75 -11.49 3.92
N VAL B 99 -0.94 -11.99 4.85
CA VAL B 99 0.35 -11.40 5.19
C VAL B 99 1.38 -12.51 5.16
N ARG B 100 2.40 -12.36 4.32
CA ARG B 100 3.50 -13.32 4.23
C ARG B 100 4.80 -12.63 4.58
N MET B 101 5.37 -12.94 5.75
CA MET B 101 6.59 -12.33 6.27
C MET B 101 7.82 -13.06 5.73
N PRO B 102 9.00 -12.44 5.81
CA PRO B 102 10.22 -13.13 5.36
C PRO B 102 10.43 -14.44 6.11
N MET B 103 11.01 -15.42 5.41
CA MET B 103 11.24 -16.75 5.95
C MET B 103 12.64 -17.22 5.57
N ALA B 104 13.32 -17.88 6.51
CA ALA B 104 14.61 -18.50 6.22
C ALA B 104 14.47 -19.49 5.07
N ALA B 105 15.41 -19.45 4.13
CA ALA B 105 15.33 -20.26 2.92
C ALA B 105 15.53 -21.75 3.17
N ALA B 106 15.92 -22.16 4.38
CA ALA B 106 16.12 -23.57 4.69
C ALA B 106 14.81 -24.25 5.08
#